data_3EB3
#
_entry.id   3EB3
#
_cell.length_a   113.198
_cell.length_b   113.198
_cell.length_c   146.691
_cell.angle_alpha   90.00
_cell.angle_beta   90.00
_cell.angle_gamma   90.00
#
_symmetry.space_group_name_H-M   'I 4 2 2'
#
loop_
_entity.id
_entity.type
_entity.pdbx_description
1 polymer 'Voltage-gated potassium channel subunit beta-2'
2 non-polymer 'NADPH DIHYDRO-NICOTINAMIDE-ADENINE-DINUCLEOTIDE PHOSPHATE'
3 non-polymer 17,21-DIHYDROXYPREGNA-1,4-DIENE-3,11,20-TRIONE
4 water water
#
_entity_poly.entity_id   1
_entity_poly.type   'polypeptide(L)'
_entity_poly.pdbx_seq_one_letter_code
;MLQFYRNLGKSGLRVSCLGLGTWVTFGGQITDEMAEHLMTLAYDNGINLFDTAEVYAAGKAEVVLGNIIKKKGWRRSSLV
ITTKIFAGGKAETERGLSRKHIIEGLKASLERLQLEYVDVVFANRPDPNTPMEETVRAMTHVINQGMAMYWGTSRWSSME
IMEAYSVARQFNLIPPICEQAEYHMFQREKVEVQLPELFHKIGVGAMTWSPLACGIVSGKYDSGIPPYSRASLKGYQWLK
DKILSEEGRRQQAKLKELQAIAERLGCTLPQLAIAWCLRNEGVSSVLLGASNAEQLMENIGAIQVLPKLSSSIVHEIDSI
LGNKPYS
;
_entity_poly.pdbx_strand_id   A
#
loop_
_chem_comp.id
_chem_comp.type
_chem_comp.name
_chem_comp.formula
NDP non-polymer 'NADPH DIHYDRO-NICOTINAMIDE-ADENINE-DINUCLEOTIDE PHOSPHATE' 'C21 H30 N7 O17 P3'
PDN non-polymer 17,21-DIHYDROXYPREGNA-1,4-DIENE-3,11,20-TRIONE 'C21 H26 O5'
#
# COMPACT_ATOMS: atom_id res chain seq x y z
N MET A 1 0.85 23.12 -5.93
CA MET A 1 2.31 22.86 -5.81
C MET A 1 2.59 21.37 -5.72
N LEU A 2 1.58 20.56 -6.04
CA LEU A 2 1.72 19.11 -5.99
C LEU A 2 2.46 18.56 -7.19
N GLN A 3 3.37 17.63 -6.94
CA GLN A 3 4.13 17.00 -8.02
C GLN A 3 3.61 15.58 -8.10
N PHE A 4 2.84 15.29 -9.16
CA PHE A 4 2.23 13.96 -9.33
C PHE A 4 3.24 12.83 -9.18
N TYR A 5 4.45 13.02 -9.72
CA TYR A 5 5.49 12.02 -9.64
C TYR A 5 6.55 12.45 -8.64
N ARG A 6 7.01 11.51 -7.82
CA ARG A 6 8.03 11.81 -6.83
C ARG A 6 8.90 10.58 -6.57
N ASN A 7 10.08 10.80 -6.01
CA ASN A 7 10.98 9.69 -5.71
C ASN A 7 10.44 8.86 -4.54
N LEU A 8 10.64 7.55 -4.60
CA LEU A 8 10.19 6.68 -3.52
C LEU A 8 11.30 6.81 -2.49
N GLY A 9 11.10 7.68 -1.51
CA GLY A 9 12.12 7.89 -0.50
C GLY A 9 13.26 8.60 -1.20
N LYS A 10 14.50 8.30 -0.83
CA LYS A 10 15.64 8.94 -1.46
C LYS A 10 16.15 8.16 -2.68
N SER A 11 15.55 7.01 -2.96
CA SER A 11 15.97 6.22 -4.10
C SER A 11 15.67 6.97 -5.40
N GLY A 12 16.16 6.43 -6.52
CA GLY A 12 15.93 7.07 -7.80
C GLY A 12 14.66 6.60 -8.47
N LEU A 13 13.95 5.68 -7.82
CA LEU A 13 12.70 5.17 -8.36
C LEU A 13 11.61 6.23 -8.25
N ARG A 14 11.06 6.63 -9.40
CA ARG A 14 10.02 7.66 -9.46
C ARG A 14 8.64 7.01 -9.56
N VAL A 15 7.76 7.37 -8.63
CA VAL A 15 6.42 6.82 -8.63
C VAL A 15 5.34 7.90 -8.56
N SER A 16 4.17 7.56 -9.05
CA SER A 16 3.02 8.45 -9.03
C SER A 16 2.56 8.51 -7.56
N CYS A 17 2.06 9.66 -7.13
CA CYS A 17 1.59 9.85 -5.75
C CYS A 17 0.47 8.91 -5.38
N LEU A 18 -0.10 8.25 -6.38
CA LEU A 18 -1.17 7.28 -6.19
C LEU A 18 -0.84 6.01 -6.93
N GLY A 19 -1.05 4.88 -6.27
CA GLY A 19 -0.78 3.59 -6.89
C GLY A 19 -2.07 2.79 -6.83
N LEU A 20 -2.08 1.63 -7.47
CA LEU A 20 -3.26 0.76 -7.44
C LEU A 20 -2.84 -0.61 -6.91
N GLY A 21 -3.47 -1.04 -5.83
CA GLY A 21 -3.16 -2.33 -5.25
C GLY A 21 -4.11 -3.40 -5.72
N THR A 22 -3.80 -4.66 -5.38
CA THR A 22 -4.58 -5.80 -5.81
C THR A 22 -5.13 -6.68 -4.68
N TRP A 23 -4.98 -6.22 -3.45
CA TRP A 23 -5.46 -6.99 -2.30
C TRP A 23 -7.00 -7.13 -2.30
N VAL A 24 -7.48 -8.30 -2.11
CA VAL A 24 -8.87 -8.63 -2.03
C VAL A 24 -9.49 -8.72 -3.44
N THR A 25 -9.35 -7.68 -4.22
CA THR A 25 -9.94 -7.56 -5.55
C THR A 25 -9.46 -8.47 -6.66
N PHE A 26 -8.22 -8.26 -7.11
CA PHE A 26 -7.65 -9.05 -8.20
C PHE A 26 -7.65 -10.55 -7.93
N GLY A 27 -8.19 -11.30 -8.89
CA GLY A 27 -8.24 -12.75 -8.76
C GLY A 27 -9.14 -13.19 -7.62
N GLY A 28 -9.92 -12.27 -7.07
CA GLY A 28 -10.80 -12.62 -5.96
C GLY A 28 -12.19 -12.01 -6.00
N GLN A 29 -12.33 -10.86 -5.36
CA GLN A 29 -13.62 -10.17 -5.30
C GLN A 29 -14.14 -9.69 -6.66
N ILE A 30 -13.23 -9.29 -7.55
CA ILE A 30 -13.65 -8.82 -8.87
C ILE A 30 -13.21 -9.71 -10.01
N THR A 31 -13.87 -9.57 -11.17
CA THR A 31 -13.56 -10.36 -12.35
C THR A 31 -12.30 -9.83 -13.03
N ASP A 32 -11.64 -10.68 -13.81
CA ASP A 32 -10.44 -10.28 -14.52
C ASP A 32 -10.75 -9.13 -15.46
N GLU A 33 -11.99 -9.12 -15.98
CA GLU A 33 -12.42 -8.06 -16.89
C GLU A 33 -12.45 -6.71 -16.15
N MET A 34 -13.02 -6.71 -14.95
CA MET A 34 -13.10 -5.49 -14.16
C MET A 34 -11.70 -5.06 -13.74
N ALA A 35 -10.84 -6.03 -13.44
CA ALA A 35 -9.46 -5.74 -13.02
C ALA A 35 -8.71 -5.07 -14.17
N GLU A 36 -8.92 -5.57 -15.37
CA GLU A 36 -8.26 -5.01 -16.55
C GLU A 36 -8.68 -3.54 -16.72
N HIS A 37 -9.98 -3.29 -16.60
CA HIS A 37 -10.50 -1.93 -16.75
C HIS A 37 -9.92 -0.99 -15.69
N LEU A 38 -9.89 -1.44 -14.44
CA LEU A 38 -9.34 -0.63 -13.36
C LEU A 38 -7.88 -0.25 -13.59
N MET A 39 -7.06 -1.22 -14.00
CA MET A 39 -5.63 -0.95 -14.25
C MET A 39 -5.44 -0.01 -15.43
N THR A 40 -6.25 -0.20 -16.47
CA THR A 40 -6.16 0.65 -17.66
C THR A 40 -6.50 2.08 -17.25
N LEU A 41 -7.58 2.25 -16.50
CA LEU A 41 -7.97 3.57 -16.05
C LEU A 41 -6.84 4.19 -15.24
N ALA A 42 -6.23 3.40 -14.36
CA ALA A 42 -5.13 3.89 -13.54
C ALA A 42 -3.96 4.32 -14.43
N TYR A 43 -3.48 3.40 -15.25
CA TYR A 43 -2.37 3.65 -16.14
C TYR A 43 -2.62 4.88 -17.02
N ASP A 44 -3.79 4.95 -17.64
CA ASP A 44 -4.12 6.08 -18.50
C ASP A 44 -4.18 7.40 -17.75
N ASN A 45 -4.35 7.32 -16.44
CA ASN A 45 -4.40 8.53 -15.63
C ASN A 45 -3.06 8.88 -14.97
N GLY A 46 -1.99 8.26 -15.43
CA GLY A 46 -0.67 8.55 -14.90
C GLY A 46 -0.11 7.63 -13.84
N ILE A 47 -0.95 6.77 -13.27
CA ILE A 47 -0.49 5.83 -12.23
C ILE A 47 0.47 4.79 -12.82
N ASN A 48 1.66 4.69 -12.24
CA ASN A 48 2.66 3.74 -12.74
C ASN A 48 2.99 2.68 -11.68
N LEU A 49 2.41 2.82 -10.50
CA LEU A 49 2.68 1.91 -9.39
C LEU A 49 1.55 0.92 -9.11
N PHE A 50 1.87 -0.38 -9.20
CA PHE A 50 0.90 -1.43 -8.95
C PHE A 50 1.46 -2.45 -7.97
N ASP A 51 0.75 -2.62 -6.86
CA ASP A 51 1.18 -3.50 -5.77
C ASP A 51 0.44 -4.82 -5.66
N THR A 52 1.16 -5.87 -5.34
CA THR A 52 0.55 -7.18 -5.16
C THR A 52 1.34 -7.99 -4.12
N ALA A 53 1.00 -9.26 -3.98
CA ALA A 53 1.66 -10.11 -3.00
C ALA A 53 1.42 -11.58 -3.31
N GLU A 54 2.38 -12.43 -2.94
CA GLU A 54 2.26 -13.85 -3.21
C GLU A 54 1.02 -14.44 -2.51
N VAL A 55 0.67 -13.88 -1.36
CA VAL A 55 -0.47 -14.37 -0.58
C VAL A 55 -1.85 -13.94 -1.09
N TYR A 56 -1.93 -12.82 -1.82
CA TYR A 56 -3.23 -12.35 -2.33
C TYR A 56 -3.92 -13.37 -3.22
N ALA A 57 -5.08 -13.86 -2.76
CA ALA A 57 -5.86 -14.83 -3.53
C ALA A 57 -5.02 -16.06 -3.86
N ALA A 58 -4.19 -16.47 -2.90
CA ALA A 58 -3.32 -17.64 -3.08
C ALA A 58 -2.48 -17.58 -4.36
N GLY A 59 -2.09 -16.36 -4.74
CA GLY A 59 -1.29 -16.21 -5.95
C GLY A 59 -2.04 -15.78 -7.21
N LYS A 60 -3.37 -15.81 -7.15
CA LYS A 60 -4.17 -15.43 -8.32
C LYS A 60 -4.09 -13.94 -8.63
N ALA A 61 -3.93 -13.12 -7.61
CA ALA A 61 -3.84 -11.68 -7.83
C ALA A 61 -2.67 -11.40 -8.78
N GLU A 62 -1.53 -12.04 -8.52
CA GLU A 62 -0.35 -11.86 -9.36
C GLU A 62 -0.60 -12.37 -10.78
N VAL A 63 -1.35 -13.46 -10.90
CA VAL A 63 -1.66 -14.02 -12.22
C VAL A 63 -2.48 -13.03 -13.04
N VAL A 64 -3.53 -12.47 -12.44
CA VAL A 64 -4.37 -11.51 -13.13
C VAL A 64 -3.58 -10.26 -13.50
N LEU A 65 -2.80 -9.77 -12.56
CA LEU A 65 -1.97 -8.59 -12.80
C LEU A 65 -1.03 -8.82 -13.98
N GLY A 66 -0.35 -9.97 -13.99
CA GLY A 66 0.56 -10.28 -15.07
C GLY A 66 -0.15 -10.42 -16.41
N ASN A 67 -1.36 -10.96 -16.40
CA ASN A 67 -2.14 -11.16 -17.63
C ASN A 67 -2.48 -9.81 -18.26
N ILE A 68 -2.94 -8.88 -17.44
CA ILE A 68 -3.31 -7.55 -17.90
C ILE A 68 -2.11 -6.84 -18.53
N ILE A 69 -0.99 -6.85 -17.81
CA ILE A 69 0.23 -6.23 -18.31
C ILE A 69 0.56 -6.79 -19.70
N LYS A 70 0.51 -8.10 -19.82
CA LYS A 70 0.81 -8.77 -21.08
C LYS A 70 -0.22 -8.46 -22.17
N LYS A 71 -1.50 -8.54 -21.82
CA LYS A 71 -2.57 -8.26 -22.78
C LYS A 71 -2.53 -6.83 -23.30
N LYS A 72 -2.32 -5.88 -22.39
CA LYS A 72 -2.27 -4.48 -22.77
C LYS A 72 -0.97 -4.14 -23.49
N GLY A 73 0.09 -4.88 -23.18
CA GLY A 73 1.37 -4.65 -23.82
C GLY A 73 2.12 -3.38 -23.44
N TRP A 74 1.81 -2.79 -22.29
CA TRP A 74 2.51 -1.58 -21.87
C TRP A 74 3.99 -1.88 -21.72
N ARG A 75 4.84 -0.89 -22.00
CA ARG A 75 6.28 -1.09 -21.88
C ARG A 75 6.63 -1.37 -20.41
N ARG A 76 7.39 -2.43 -20.15
CA ARG A 76 7.76 -2.79 -18.78
C ARG A 76 8.49 -1.63 -18.10
N SER A 77 9.26 -0.88 -18.88
CA SER A 77 10.01 0.25 -18.36
C SER A 77 9.13 1.41 -17.91
N SER A 78 7.85 1.38 -18.26
CA SER A 78 6.94 2.45 -17.86
C SER A 78 6.13 2.06 -16.64
N LEU A 79 6.39 0.87 -16.12
CA LEU A 79 5.66 0.36 -14.96
C LEU A 79 6.53 0.12 -13.73
N VAL A 80 5.93 0.29 -12.56
CA VAL A 80 6.60 0.03 -11.29
C VAL A 80 5.74 -1.04 -10.66
N ILE A 81 6.22 -2.28 -10.71
CA ILE A 81 5.48 -3.40 -10.15
C ILE A 81 6.11 -3.84 -8.85
N THR A 82 5.31 -3.92 -7.80
CA THR A 82 5.85 -4.36 -6.52
C THR A 82 5.07 -5.56 -6.02
N THR A 83 5.77 -6.45 -5.33
CA THR A 83 5.12 -7.60 -4.73
C THR A 83 5.75 -7.79 -3.35
N LYS A 84 5.04 -8.53 -2.50
CA LYS A 84 5.45 -8.77 -1.13
C LYS A 84 5.56 -10.25 -0.84
N ILE A 85 6.56 -10.60 -0.03
CA ILE A 85 6.81 -11.98 0.32
C ILE A 85 6.74 -12.26 1.83
N PHE A 86 5.96 -13.27 2.22
CA PHE A 86 6.00 -13.91 3.53
C PHE A 86 5.35 -15.21 3.58
N ALA A 87 4.09 -15.26 3.24
CA ALA A 87 3.31 -16.49 3.25
C ALA A 87 3.05 -16.97 1.84
N GLY A 88 3.80 -17.99 1.41
CA GLY A 88 3.64 -18.51 0.07
C GLY A 88 3.27 -19.98 -0.04
N GLY A 89 2.76 -20.55 1.03
CA GLY A 89 2.39 -21.96 1.02
C GLY A 89 2.04 -22.46 2.41
N LYS A 90 1.62 -23.72 2.49
CA LYS A 90 1.25 -24.32 3.77
C LYS A 90 2.40 -25.02 4.48
N ALA A 91 3.43 -25.42 3.75
CA ALA A 91 4.58 -26.09 4.33
C ALA A 91 5.37 -25.14 5.24
N GLU A 92 6.06 -25.71 6.21
CA GLU A 92 6.85 -24.92 7.15
C GLU A 92 7.83 -23.97 6.44
N THR A 93 8.56 -24.51 5.46
CA THR A 93 9.55 -23.74 4.73
C THR A 93 8.99 -22.84 3.64
N GLU A 94 7.66 -22.76 3.53
CA GLU A 94 7.03 -21.92 2.53
C GLU A 94 6.55 -20.59 3.09
N ARG A 95 7.06 -20.24 4.27
CA ARG A 95 6.69 -18.97 4.90
C ARG A 95 7.88 -18.38 5.66
N GLY A 96 7.90 -17.06 5.79
CA GLY A 96 9.00 -16.42 6.50
C GLY A 96 9.92 -15.61 5.61
N LEU A 97 10.95 -15.02 6.21
CA LEU A 97 11.90 -14.22 5.45
C LEU A 97 13.27 -14.90 5.35
N SER A 98 13.25 -16.22 5.38
CA SER A 98 14.49 -16.99 5.26
C SER A 98 14.97 -16.83 3.83
N ARG A 99 16.25 -17.08 3.60
CA ARG A 99 16.80 -16.99 2.25
C ARG A 99 16.04 -17.96 1.36
N LYS A 100 15.78 -19.16 1.88
CA LYS A 100 15.06 -20.17 1.10
C LYS A 100 13.73 -19.66 0.56
N HIS A 101 12.86 -19.17 1.45
CA HIS A 101 11.55 -18.69 1.00
C HIS A 101 11.62 -17.38 0.21
N ILE A 102 12.61 -16.55 0.50
CA ILE A 102 12.76 -15.29 -0.23
C ILE A 102 12.97 -15.60 -1.69
N ILE A 103 13.94 -16.47 -1.96
CA ILE A 103 14.25 -16.86 -3.34
C ILE A 103 13.12 -17.68 -3.96
N GLU A 104 12.67 -18.72 -3.28
CA GLU A 104 11.57 -19.56 -3.84
C GLU A 104 10.30 -18.75 -4.03
N GLY A 105 9.96 -17.95 -3.02
CA GLY A 105 8.78 -17.12 -3.07
C GLY A 105 8.75 -16.10 -4.20
N LEU A 106 9.83 -15.33 -4.35
CA LEU A 106 9.88 -14.32 -5.41
C LEU A 106 9.92 -15.00 -6.77
N LYS A 107 10.66 -16.10 -6.88
CA LYS A 107 10.74 -16.82 -8.13
C LYS A 107 9.35 -17.27 -8.57
N ALA A 108 8.58 -17.79 -7.61
CA ALA A 108 7.22 -18.24 -7.91
C ALA A 108 6.31 -17.06 -8.25
N SER A 109 6.47 -15.93 -7.56
CA SER A 109 5.64 -14.75 -7.86
C SER A 109 5.93 -14.27 -9.27
N LEU A 110 7.21 -14.21 -9.64
CA LEU A 110 7.59 -13.74 -10.97
C LEU A 110 7.02 -14.62 -12.08
N GLU A 111 6.97 -15.93 -11.85
CA GLU A 111 6.43 -16.86 -12.83
C GLU A 111 4.94 -16.61 -13.02
N ARG A 112 4.24 -16.37 -11.92
CA ARG A 112 2.80 -16.09 -11.98
C ARG A 112 2.57 -14.76 -12.68
N LEU A 113 3.43 -13.80 -12.38
CA LEU A 113 3.34 -12.47 -12.96
C LEU A 113 3.80 -12.42 -14.41
N GLN A 114 4.45 -13.49 -14.86
CA GLN A 114 5.00 -13.55 -16.21
C GLN A 114 5.97 -12.40 -16.41
N LEU A 115 6.73 -12.08 -15.37
CA LEU A 115 7.72 -11.00 -15.42
C LEU A 115 9.10 -11.52 -15.03
N GLU A 116 10.14 -10.87 -15.54
CA GLU A 116 11.51 -11.26 -15.22
C GLU A 116 11.91 -10.70 -13.87
N TYR A 117 11.27 -9.61 -13.46
CA TYR A 117 11.61 -8.98 -12.19
C TYR A 117 10.55 -8.00 -11.75
N VAL A 118 10.55 -7.68 -10.46
CA VAL A 118 9.64 -6.69 -9.95
C VAL A 118 10.53 -5.49 -9.65
N ASP A 119 9.95 -4.30 -9.57
CA ASP A 119 10.75 -3.13 -9.28
C ASP A 119 11.13 -3.11 -7.81
N VAL A 120 10.21 -3.51 -6.96
CA VAL A 120 10.50 -3.58 -5.53
C VAL A 120 9.89 -4.85 -4.96
N VAL A 121 10.68 -5.59 -4.19
CA VAL A 121 10.18 -6.78 -3.54
C VAL A 121 10.14 -6.37 -2.07
N PHE A 122 9.03 -6.65 -1.40
CA PHE A 122 8.86 -6.29 0.00
C PHE A 122 8.78 -7.50 0.90
N ALA A 123 9.22 -7.36 2.14
CA ALA A 123 9.08 -8.42 3.12
C ALA A 123 7.70 -7.99 3.63
N ASN A 124 6.68 -8.83 3.45
CA ASN A 124 5.30 -8.48 3.83
C ASN A 124 5.10 -8.19 5.31
N ARG A 125 6.05 -8.64 6.13
CA ARG A 125 6.01 -8.40 7.57
C ARG A 125 7.31 -8.89 8.19
N PRO A 126 7.53 -8.58 9.48
CA PRO A 126 8.74 -8.99 10.19
C PRO A 126 8.72 -10.49 10.48
N ASP A 127 9.90 -11.10 10.49
CA ASP A 127 10.03 -12.53 10.77
C ASP A 127 10.88 -12.72 12.02
N PRO A 128 10.25 -13.06 13.15
CA PRO A 128 10.97 -13.25 14.41
C PRO A 128 11.83 -14.52 14.47
N ASN A 129 11.74 -15.35 13.43
CA ASN A 129 12.50 -16.60 13.39
C ASN A 129 13.70 -16.56 12.43
N THR A 130 13.92 -15.41 11.79
CA THR A 130 15.04 -15.28 10.84
C THR A 130 15.87 -14.04 11.19
N PRO A 131 17.18 -14.21 11.39
CA PRO A 131 18.07 -13.08 11.74
C PRO A 131 18.08 -12.07 10.60
N MET A 132 18.17 -10.78 10.92
CA MET A 132 18.18 -9.75 9.91
C MET A 132 19.25 -9.99 8.83
N GLU A 133 20.48 -10.36 9.24
CA GLU A 133 21.52 -10.58 8.24
C GLU A 133 21.14 -11.55 7.12
N GLU A 134 20.52 -12.67 7.48
CA GLU A 134 20.12 -13.62 6.45
C GLU A 134 19.11 -12.99 5.51
N THR A 135 18.14 -12.27 6.06
CA THR A 135 17.12 -11.63 5.24
C THR A 135 17.69 -10.56 4.31
N VAL A 136 18.56 -9.71 4.84
CA VAL A 136 19.16 -8.67 4.03
C VAL A 136 20.05 -9.27 2.94
N ARG A 137 20.81 -10.33 3.27
CA ARG A 137 21.64 -10.97 2.26
C ARG A 137 20.75 -11.56 1.15
N ALA A 138 19.63 -12.19 1.53
CA ALA A 138 18.74 -12.78 0.54
C ALA A 138 18.11 -11.72 -0.38
N MET A 139 17.73 -10.58 0.18
CA MET A 139 17.15 -9.51 -0.62
C MET A 139 18.21 -8.99 -1.57
N THR A 140 19.42 -8.81 -1.05
CA THR A 140 20.52 -8.32 -1.87
C THR A 140 20.83 -9.29 -3.00
N HIS A 141 20.76 -10.57 -2.70
CA HIS A 141 21.01 -11.60 -3.69
C HIS A 141 20.01 -11.54 -4.87
N VAL A 142 18.71 -11.48 -4.56
CA VAL A 142 17.72 -11.44 -5.63
C VAL A 142 17.82 -10.17 -6.48
N ILE A 143 18.30 -9.09 -5.87
CA ILE A 143 18.48 -7.85 -6.60
C ILE A 143 19.67 -8.06 -7.54
N ASN A 144 20.73 -8.68 -7.02
CA ASN A 144 21.92 -8.93 -7.82
C ASN A 144 21.65 -9.94 -8.93
N GLN A 145 20.62 -10.77 -8.74
CA GLN A 145 20.24 -11.77 -9.73
C GLN A 145 19.29 -11.17 -10.78
N GLY A 146 18.95 -9.90 -10.61
CA GLY A 146 18.05 -9.26 -11.55
C GLY A 146 16.60 -9.64 -11.39
N MET A 147 16.23 -10.13 -10.21
CA MET A 147 14.86 -10.54 -9.95
C MET A 147 14.02 -9.39 -9.39
N ALA A 148 14.71 -8.35 -8.94
CA ALA A 148 14.09 -7.15 -8.39
C ALA A 148 15.09 -6.02 -8.53
N MET A 149 14.59 -4.79 -8.62
CA MET A 149 15.46 -3.62 -8.74
C MET A 149 15.83 -3.11 -7.35
N TYR A 150 14.88 -3.18 -6.43
CA TYR A 150 15.07 -2.72 -5.06
C TYR A 150 14.25 -3.58 -4.12
N TRP A 151 14.43 -3.39 -2.82
CA TRP A 151 13.63 -4.14 -1.86
C TRP A 151 13.15 -3.20 -0.77
N GLY A 152 12.14 -3.64 -0.02
CA GLY A 152 11.62 -2.80 1.02
C GLY A 152 10.99 -3.63 2.12
N THR A 153 10.52 -2.94 3.14
CA THR A 153 9.93 -3.58 4.30
C THR A 153 8.44 -3.24 4.38
N SER A 154 7.68 -4.02 5.14
CA SER A 154 6.26 -3.77 5.32
C SER A 154 5.83 -4.19 6.72
N ARG A 155 5.23 -3.26 7.45
CA ARG A 155 4.78 -3.51 8.82
C ARG A 155 5.96 -3.72 9.78
N TRP A 156 7.12 -3.15 9.44
CA TRP A 156 8.30 -3.25 10.28
C TRP A 156 8.37 -2.05 11.20
N SER A 157 8.94 -2.22 12.38
CA SER A 157 9.06 -1.10 13.32
C SER A 157 10.23 -0.25 12.84
N SER A 158 10.30 1.00 13.30
CA SER A 158 11.40 1.90 12.92
C SER A 158 12.75 1.27 13.26
N MET A 159 12.81 0.63 14.42
CA MET A 159 14.04 0.00 14.87
C MET A 159 14.46 -1.18 13.98
N GLU A 160 13.49 -1.96 13.53
CA GLU A 160 13.79 -3.10 12.67
C GLU A 160 14.25 -2.64 11.30
N ILE A 161 13.71 -1.52 10.84
CA ILE A 161 14.13 -0.98 9.56
C ILE A 161 15.57 -0.48 9.70
N MET A 162 15.86 0.25 10.78
CA MET A 162 17.22 0.73 11.04
C MET A 162 18.16 -0.48 11.17
N GLU A 163 17.65 -1.58 11.71
CA GLU A 163 18.48 -2.79 11.87
C GLU A 163 18.91 -3.35 10.51
N ALA A 164 18.00 -3.30 9.54
CA ALA A 164 18.27 -3.78 8.18
C ALA A 164 19.35 -2.91 7.53
N TYR A 165 19.29 -1.61 7.80
CA TYR A 165 20.26 -0.66 7.28
C TYR A 165 21.61 -0.95 7.94
N SER A 166 21.57 -1.22 9.24
CA SER A 166 22.79 -1.52 9.99
C SER A 166 23.52 -2.72 9.38
N VAL A 167 22.78 -3.79 9.15
CA VAL A 167 23.37 -5.00 8.58
C VAL A 167 23.90 -4.73 7.19
N ALA A 168 23.12 -3.99 6.40
CA ALA A 168 23.54 -3.66 5.04
C ALA A 168 24.86 -2.89 5.04
N ARG A 169 25.01 -1.89 5.92
CA ARG A 169 26.25 -1.13 5.97
C ARG A 169 27.43 -1.90 6.57
N GLN A 170 27.16 -2.80 7.50
CA GLN A 170 28.25 -3.58 8.11
C GLN A 170 28.83 -4.63 7.15
N PHE A 171 27.97 -5.29 6.39
CA PHE A 171 28.41 -6.32 5.45
C PHE A 171 28.37 -5.86 4.00
N ASN A 172 28.27 -4.55 3.81
CA ASN A 172 28.23 -3.96 2.48
C ASN A 172 27.17 -4.59 1.60
N LEU A 173 25.93 -4.58 2.07
CA LEU A 173 24.82 -5.14 1.30
C LEU A 173 23.95 -3.96 0.88
N ILE A 174 22.80 -4.26 0.27
CA ILE A 174 21.88 -3.23 -0.20
C ILE A 174 20.81 -2.93 0.85
N PRO A 175 20.67 -1.66 1.26
CA PRO A 175 19.67 -1.25 2.25
C PRO A 175 18.29 -1.15 1.61
N PRO A 176 17.23 -1.16 2.43
CA PRO A 176 15.86 -1.06 1.91
C PRO A 176 15.55 0.38 1.51
N ILE A 177 14.68 0.55 0.50
CA ILE A 177 14.34 1.90 0.04
C ILE A 177 12.99 2.40 0.50
N CYS A 178 12.16 1.50 1.02
CA CYS A 178 10.81 1.89 1.40
C CYS A 178 10.14 0.97 2.41
N GLU A 179 9.20 1.51 3.16
CA GLU A 179 8.42 0.76 4.14
C GLU A 179 6.96 0.97 3.76
N GLN A 180 6.23 -0.13 3.55
CA GLN A 180 4.81 -0.07 3.18
C GLN A 180 4.00 -0.11 4.48
N ALA A 181 3.55 1.06 4.91
CA ALA A 181 2.81 1.20 6.17
C ALA A 181 1.36 1.67 6.04
N GLU A 182 0.53 1.22 6.97
CA GLU A 182 -0.87 1.60 6.98
C GLU A 182 -0.98 3.08 7.35
N TYR A 183 -1.84 3.79 6.64
CA TYR A 183 -2.04 5.21 6.89
C TYR A 183 -3.42 5.70 6.47
N HIS A 184 -4.15 6.21 7.44
CA HIS A 184 -5.48 6.78 7.24
C HIS A 184 -5.78 7.59 8.49
N MET A 185 -6.87 8.33 8.47
CA MET A 185 -7.24 9.19 9.60
C MET A 185 -7.28 8.53 10.97
N PHE A 186 -7.37 7.19 11.00
CA PHE A 186 -7.42 6.46 12.26
C PHE A 186 -6.14 5.66 12.56
N GLN A 187 -5.05 5.98 11.86
CA GLN A 187 -3.76 5.31 12.04
C GLN A 187 -2.72 6.28 11.48
N ARG A 188 -2.19 7.13 12.35
CA ARG A 188 -1.26 8.18 11.94
C ARG A 188 0.13 8.19 12.56
N GLU A 189 0.22 7.69 13.79
CA GLU A 189 1.45 7.67 14.56
C GLU A 189 2.72 7.29 13.80
N LYS A 190 2.79 6.04 13.36
CA LYS A 190 3.95 5.53 12.63
C LYS A 190 4.35 6.40 11.43
N VAL A 191 3.41 6.60 10.52
CA VAL A 191 3.68 7.40 9.33
C VAL A 191 3.98 8.87 9.57
N GLU A 192 3.29 9.50 10.51
CA GLU A 192 3.52 10.92 10.77
C GLU A 192 4.70 11.23 11.67
N VAL A 193 4.98 10.36 12.63
CA VAL A 193 6.06 10.61 13.56
C VAL A 193 7.35 9.83 13.32
N GLN A 194 7.24 8.52 13.14
CA GLN A 194 8.42 7.69 12.95
C GLN A 194 9.03 7.65 11.56
N LEU A 195 8.22 7.42 10.54
CA LEU A 195 8.77 7.34 9.19
C LEU A 195 9.55 8.57 8.73
N PRO A 196 9.12 9.78 9.11
CA PRO A 196 9.88 10.96 8.67
C PRO A 196 11.34 10.91 9.16
N GLU A 197 11.56 10.35 10.34
CA GLU A 197 12.90 10.21 10.90
C GLU A 197 13.74 9.26 10.04
N LEU A 198 13.14 8.16 9.61
CA LEU A 198 13.83 7.19 8.78
C LEU A 198 14.17 7.79 7.41
N PHE A 199 13.33 8.68 6.92
CA PHE A 199 13.60 9.31 5.62
C PHE A 199 14.85 10.17 5.68
N HIS A 200 14.93 11.04 6.67
CA HIS A 200 16.09 11.92 6.81
C HIS A 200 17.35 11.20 7.26
N LYS A 201 17.19 10.13 8.03
CA LYS A 201 18.34 9.37 8.52
C LYS A 201 18.90 8.36 7.53
N ILE A 202 18.03 7.51 6.98
CA ILE A 202 18.47 6.48 6.05
C ILE A 202 17.74 6.45 4.70
N GLY A 203 17.13 7.57 4.34
CA GLY A 203 16.44 7.68 3.06
C GLY A 203 15.23 6.82 2.78
N VAL A 204 14.73 6.10 3.78
CA VAL A 204 13.56 5.24 3.60
C VAL A 204 12.30 5.99 3.23
N GLY A 205 11.63 5.52 2.17
CA GLY A 205 10.40 6.17 1.73
C GLY A 205 9.15 5.55 2.30
N ALA A 206 8.06 6.31 2.32
CA ALA A 206 6.81 5.79 2.84
C ALA A 206 5.78 5.60 1.74
N MET A 207 5.39 4.35 1.54
CA MET A 207 4.37 3.98 0.56
C MET A 207 3.28 3.46 1.49
N THR A 208 2.16 4.18 1.55
CA THR A 208 1.07 3.81 2.45
C THR A 208 -0.05 2.97 1.87
N TRP A 209 -0.72 2.22 2.73
CA TRP A 209 -1.82 1.38 2.29
C TRP A 209 -3.11 1.59 3.11
N SER A 210 -4.21 1.02 2.60
CA SER A 210 -5.53 1.14 3.22
C SER A 210 -5.87 2.59 3.61
N PRO A 211 -5.78 3.53 2.66
CA PRO A 211 -6.09 4.95 2.93
C PRO A 211 -7.52 5.22 3.37
N LEU A 212 -8.41 4.26 3.12
CA LEU A 212 -9.81 4.39 3.52
C LEU A 212 -10.13 3.36 4.61
N ALA A 213 -9.09 2.84 5.24
CA ALA A 213 -9.26 1.85 6.31
C ALA A 213 -10.13 0.69 5.83
N CYS A 214 -9.81 0.19 4.63
CA CYS A 214 -10.52 -0.92 4.01
C CYS A 214 -11.91 -0.53 3.51
N GLY A 215 -12.15 0.78 3.41
CA GLY A 215 -13.45 1.25 2.95
C GLY A 215 -14.30 1.85 4.05
N ILE A 216 -13.85 1.70 5.29
CA ILE A 216 -14.57 2.23 6.44
C ILE A 216 -14.67 3.75 6.42
N VAL A 217 -13.62 4.40 5.94
CA VAL A 217 -13.58 5.85 5.88
C VAL A 217 -14.59 6.43 4.89
N SER A 218 -15.05 5.60 3.96
CA SER A 218 -16.03 6.05 2.98
C SER A 218 -17.35 6.31 3.69
N GLY A 219 -17.52 5.68 4.85
CA GLY A 219 -18.73 5.85 5.62
C GLY A 219 -19.91 5.05 5.10
N LYS A 220 -19.64 4.04 4.28
CA LYS A 220 -20.70 3.21 3.72
C LYS A 220 -21.27 2.27 4.79
N TYR A 221 -20.62 2.24 5.95
CA TYR A 221 -21.03 1.38 7.05
C TYR A 221 -21.70 2.20 8.17
N ASP A 222 -22.31 3.32 7.79
CA ASP A 222 -22.96 4.18 8.77
C ASP A 222 -24.27 3.59 9.29
N SER A 223 -24.63 2.47 8.72
CA SER A 223 -25.87 1.80 8.93
C SER A 223 -25.90 0.36 8.72
N GLY A 224 -24.80 -0.19 9.07
CA GLY A 224 -24.67 -1.62 8.96
C GLY A 224 -23.67 -2.04 7.91
N ILE A 225 -23.73 -3.31 7.53
CA ILE A 225 -22.82 -3.86 6.52
C ILE A 225 -23.53 -4.02 5.19
N PRO A 226 -23.40 -3.01 4.29
CA PRO A 226 -24.03 -3.04 2.97
C PRO A 226 -23.62 -4.28 2.17
N PRO A 227 -24.54 -4.81 1.35
CA PRO A 227 -24.26 -5.99 0.53
C PRO A 227 -23.07 -5.78 -0.41
N TYR A 228 -22.33 -6.84 -0.67
CA TYR A 228 -21.17 -6.79 -1.56
C TYR A 228 -20.00 -5.99 -1.01
N SER A 229 -20.17 -5.36 0.15
CA SER A 229 -19.09 -4.58 0.74
C SER A 229 -17.99 -5.55 1.16
N ARG A 230 -16.75 -5.05 1.26
CA ARG A 230 -15.64 -5.93 1.64
C ARG A 230 -15.93 -6.63 2.97
N ALA A 231 -16.50 -5.88 3.90
CA ALA A 231 -16.82 -6.41 5.22
C ALA A 231 -17.82 -7.57 5.21
N SER A 232 -18.52 -7.75 4.09
CA SER A 232 -19.50 -8.82 3.98
C SER A 232 -18.95 -9.99 3.19
N LEU A 233 -17.70 -9.91 2.80
CA LEU A 233 -17.06 -10.98 2.03
C LEU A 233 -16.59 -12.11 2.93
N LYS A 234 -16.48 -13.31 2.37
CA LYS A 234 -16.05 -14.47 3.13
C LYS A 234 -14.58 -14.29 3.52
N GLY A 235 -14.26 -14.63 4.77
CA GLY A 235 -12.90 -14.51 5.24
C GLY A 235 -12.57 -13.12 5.75
N TYR A 236 -13.55 -12.23 5.75
CA TYR A 236 -13.34 -10.87 6.23
C TYR A 236 -14.27 -10.55 7.40
N GLN A 237 -14.54 -11.57 8.22
CA GLN A 237 -15.38 -11.40 9.39
C GLN A 237 -14.65 -10.49 10.36
N TRP A 238 -13.32 -10.51 10.27
CA TRP A 238 -12.48 -9.69 11.14
C TRP A 238 -12.72 -8.21 10.90
N LEU A 239 -13.02 -7.85 9.66
CA LEU A 239 -13.28 -6.46 9.30
C LEU A 239 -14.64 -6.04 9.82
N LYS A 240 -15.62 -6.93 9.67
CA LYS A 240 -16.97 -6.67 10.13
C LYS A 240 -16.98 -6.46 11.63
N ASP A 241 -16.21 -7.25 12.36
CA ASP A 241 -16.16 -7.12 13.81
C ASP A 241 -15.58 -5.77 14.20
N LYS A 242 -14.56 -5.33 13.48
CA LYS A 242 -13.94 -4.03 13.77
C LYS A 242 -14.93 -2.90 13.50
N ILE A 243 -15.76 -3.06 12.48
CA ILE A 243 -16.75 -2.06 12.13
C ILE A 243 -17.87 -2.01 13.16
N LEU A 244 -18.32 -3.19 13.56
CA LEU A 244 -19.40 -3.32 14.54
C LEU A 244 -18.92 -3.17 15.99
N SER A 245 -17.60 -3.03 16.18
CA SER A 245 -17.05 -2.89 17.52
C SER A 245 -17.39 -1.51 18.07
N GLU A 246 -17.20 -1.32 19.38
CA GLU A 246 -17.47 -0.05 20.02
C GLU A 246 -16.64 1.05 19.38
N GLU A 247 -15.35 0.78 19.17
CA GLU A 247 -14.46 1.74 18.56
C GLU A 247 -14.85 1.95 17.09
N GLY A 248 -15.32 0.89 16.46
CA GLY A 248 -15.73 0.98 15.06
C GLY A 248 -16.92 1.90 14.84
N ARG A 249 -17.76 2.05 15.86
CA ARG A 249 -18.92 2.91 15.75
C ARG A 249 -18.55 4.34 16.11
N ARG A 250 -17.52 4.48 16.94
CA ARG A 250 -17.08 5.81 17.34
C ARG A 250 -16.39 6.48 16.15
N GLN A 251 -15.83 5.66 15.27
CA GLN A 251 -15.17 6.18 14.07
C GLN A 251 -16.22 6.72 13.12
N GLN A 252 -17.34 6.00 13.01
CA GLN A 252 -18.44 6.41 12.16
C GLN A 252 -18.96 7.76 12.59
N ALA A 253 -19.05 7.96 13.91
CA ALA A 253 -19.53 9.23 14.46
C ALA A 253 -18.64 10.37 14.01
N LYS A 254 -17.33 10.15 14.05
CA LYS A 254 -16.38 11.17 13.63
C LYS A 254 -16.46 11.39 12.11
N LEU A 255 -16.69 10.31 11.38
CA LEU A 255 -16.80 10.40 9.92
C LEU A 255 -17.92 11.33 9.51
N LYS A 256 -19.08 11.17 10.15
CA LYS A 256 -20.24 12.00 9.84
C LYS A 256 -19.82 13.47 9.92
N GLU A 257 -19.00 13.80 10.93
CA GLU A 257 -18.53 15.16 11.09
C GLU A 257 -17.59 15.54 9.95
N LEU A 258 -16.71 14.61 9.58
CA LEU A 258 -15.76 14.84 8.50
C LEU A 258 -16.53 15.04 7.20
N GLN A 259 -17.64 14.33 7.06
CA GLN A 259 -18.50 14.42 5.89
C GLN A 259 -18.92 15.88 5.67
N ALA A 260 -19.16 16.58 6.78
CA ALA A 260 -19.55 17.98 6.71
C ALA A 260 -18.50 18.81 5.99
N ILE A 261 -17.23 18.60 6.35
CA ILE A 261 -16.14 19.32 5.71
C ILE A 261 -16.02 18.91 4.25
N ALA A 262 -16.25 17.63 3.99
CA ALA A 262 -16.17 17.10 2.63
C ALA A 262 -17.12 17.85 1.70
N GLU A 263 -18.42 17.76 2.01
CA GLU A 263 -19.43 18.43 1.20
C GLU A 263 -19.20 19.93 1.21
N ARG A 264 -18.64 20.43 2.30
CA ARG A 264 -18.37 21.86 2.43
C ARG A 264 -17.23 22.26 1.49
N LEU A 265 -16.43 21.28 1.07
CA LEU A 265 -15.31 21.55 0.16
C LEU A 265 -15.68 21.20 -1.28
N GLY A 266 -16.76 20.45 -1.44
CA GLY A 266 -17.18 20.07 -2.78
C GLY A 266 -16.61 18.74 -3.24
N CYS A 267 -16.28 17.87 -2.28
CA CYS A 267 -15.73 16.56 -2.60
C CYS A 267 -16.37 15.49 -1.73
N THR A 268 -16.10 14.23 -2.02
CA THR A 268 -16.65 13.13 -1.24
C THR A 268 -15.74 12.87 -0.04
N LEU A 269 -16.21 12.05 0.89
CA LEU A 269 -15.42 11.73 2.07
C LEU A 269 -14.15 10.97 1.67
N PRO A 270 -14.28 9.96 0.78
CA PRO A 270 -13.10 9.20 0.35
C PRO A 270 -12.04 10.12 -0.28
N GLN A 271 -12.50 11.11 -1.06
CA GLN A 271 -11.57 12.04 -1.69
C GLN A 271 -10.87 12.90 -0.66
N LEU A 272 -11.58 13.25 0.41
CA LEU A 272 -11.01 14.06 1.47
C LEU A 272 -9.95 13.25 2.23
N ALA A 273 -10.30 12.01 2.55
CA ALA A 273 -9.41 11.11 3.29
C ALA A 273 -8.14 10.79 2.49
N ILE A 274 -8.30 10.50 1.21
CA ILE A 274 -7.15 10.18 0.36
C ILE A 274 -6.26 11.41 0.18
N ALA A 275 -6.86 12.55 -0.12
CA ALA A 275 -6.09 13.79 -0.29
C ALA A 275 -5.38 14.10 1.02
N TRP A 276 -6.03 13.78 2.12
CA TRP A 276 -5.45 14.01 3.44
C TRP A 276 -4.16 13.19 3.59
N CYS A 277 -4.20 11.95 3.10
CA CYS A 277 -3.03 11.07 3.18
C CYS A 277 -1.82 11.58 2.41
N LEU A 278 -2.05 12.43 1.42
CA LEU A 278 -0.98 13.00 0.61
C LEU A 278 -0.64 14.45 0.95
N ARG A 279 -1.34 15.02 1.93
CA ARG A 279 -1.09 16.40 2.32
C ARG A 279 0.36 16.71 2.67
N ASN A 280 1.09 15.71 3.16
CA ASN A 280 2.49 15.91 3.53
C ASN A 280 3.47 15.22 2.58
N GLU A 281 4.62 15.85 2.37
CA GLU A 281 5.65 15.32 1.49
C GLU A 281 6.15 13.97 2.01
N GLY A 282 6.04 13.78 3.32
CA GLY A 282 6.49 12.55 3.93
C GLY A 282 6.00 11.27 3.27
N VAL A 283 4.80 11.31 2.70
CA VAL A 283 4.25 10.14 2.03
C VAL A 283 4.60 10.18 0.54
N SER A 284 5.35 9.18 0.08
CA SER A 284 5.75 9.13 -1.32
C SER A 284 4.58 8.72 -2.22
N SER A 285 3.80 7.74 -1.78
CA SER A 285 2.66 7.30 -2.57
C SER A 285 1.62 6.57 -1.73
N VAL A 286 0.36 6.76 -2.08
CA VAL A 286 -0.75 6.13 -1.39
C VAL A 286 -1.30 5.04 -2.30
N LEU A 287 -1.34 3.80 -1.81
CA LEU A 287 -1.85 2.69 -2.59
C LEU A 287 -3.37 2.60 -2.48
N LEU A 288 -4.04 2.74 -3.62
CA LEU A 288 -5.49 2.70 -3.67
C LEU A 288 -6.04 1.30 -3.84
N GLY A 289 -7.31 1.14 -3.47
CA GLY A 289 -8.00 -0.12 -3.61
C GLY A 289 -9.38 0.24 -4.15
N ALA A 290 -9.94 -0.62 -5.01
CA ALA A 290 -11.27 -0.35 -5.58
C ALA A 290 -11.89 -1.61 -6.16
N SER A 291 -13.19 -1.76 -5.98
CA SER A 291 -13.92 -2.90 -6.50
C SER A 291 -14.65 -2.58 -7.81
N ASN A 292 -14.79 -1.30 -8.13
CA ASN A 292 -15.44 -0.91 -9.38
C ASN A 292 -14.85 0.39 -9.93
N ALA A 293 -15.19 0.72 -11.16
CA ALA A 293 -14.66 1.91 -11.81
C ALA A 293 -15.11 3.23 -11.19
N GLU A 294 -16.29 3.25 -10.59
CA GLU A 294 -16.80 4.47 -9.97
C GLU A 294 -15.93 4.86 -8.77
N GLN A 295 -15.54 3.87 -7.98
CA GLN A 295 -14.70 4.12 -6.80
C GLN A 295 -13.33 4.65 -7.19
N LEU A 296 -12.70 3.98 -8.16
CA LEU A 296 -11.37 4.37 -8.61
C LEU A 296 -11.34 5.79 -9.18
N MET A 297 -12.27 6.10 -10.09
CA MET A 297 -12.30 7.44 -10.66
C MET A 297 -12.57 8.47 -9.57
N GLU A 298 -13.42 8.13 -8.61
CA GLU A 298 -13.72 9.02 -7.50
C GLU A 298 -12.44 9.24 -6.71
N ASN A 299 -11.79 8.14 -6.33
CA ASN A 299 -10.55 8.18 -5.55
C ASN A 299 -9.46 9.02 -6.21
N ILE A 300 -9.25 8.81 -7.50
CA ILE A 300 -8.25 9.56 -8.24
C ILE A 300 -8.55 11.05 -8.20
N GLY A 301 -9.83 11.38 -8.11
CA GLY A 301 -10.23 12.77 -8.06
C GLY A 301 -9.77 13.47 -6.78
N ALA A 302 -9.19 12.70 -5.87
CA ALA A 302 -8.71 13.25 -4.61
C ALA A 302 -7.60 14.27 -4.85
N ILE A 303 -6.89 14.13 -5.97
CA ILE A 303 -5.80 15.04 -6.32
C ILE A 303 -6.29 16.49 -6.35
N GLN A 304 -7.49 16.70 -6.89
CA GLN A 304 -8.06 18.03 -6.98
C GLN A 304 -8.44 18.63 -5.62
N VAL A 305 -8.56 17.76 -4.62
CA VAL A 305 -8.92 18.21 -3.29
C VAL A 305 -7.73 18.79 -2.53
N LEU A 306 -6.53 18.26 -2.79
CA LEU A 306 -5.32 18.72 -2.13
C LEU A 306 -5.20 20.23 -1.94
N PRO A 307 -5.43 21.02 -3.01
CA PRO A 307 -5.33 22.47 -2.92
C PRO A 307 -6.23 23.12 -1.87
N LYS A 308 -7.32 22.45 -1.51
CA LYS A 308 -8.25 22.99 -0.53
C LYS A 308 -7.92 22.65 0.92
N LEU A 309 -6.96 21.75 1.13
CA LEU A 309 -6.58 21.37 2.48
C LEU A 309 -5.68 22.40 3.15
N SER A 310 -6.27 23.51 3.56
CA SER A 310 -5.51 24.59 4.21
C SER A 310 -5.20 24.22 5.67
N SER A 311 -4.45 25.08 6.34
CA SER A 311 -4.09 24.87 7.74
C SER A 311 -5.35 24.72 8.58
N SER A 312 -6.31 25.61 8.35
CA SER A 312 -7.57 25.60 9.09
C SER A 312 -8.30 24.28 8.88
N ILE A 313 -8.38 23.83 7.64
CA ILE A 313 -9.04 22.58 7.30
C ILE A 313 -8.38 21.41 8.02
N VAL A 314 -7.06 21.41 8.06
CA VAL A 314 -6.31 20.34 8.71
C VAL A 314 -6.53 20.38 10.22
N HIS A 315 -6.60 21.57 10.80
CA HIS A 315 -6.81 21.71 12.24
C HIS A 315 -8.22 21.22 12.62
N GLU A 316 -9.21 21.55 11.80
CA GLU A 316 -10.58 21.13 12.06
C GLU A 316 -10.66 19.60 12.07
N ILE A 317 -9.98 18.98 11.11
CA ILE A 317 -9.97 17.53 11.01
C ILE A 317 -9.30 16.93 12.24
N ASP A 318 -8.21 17.55 12.70
CA ASP A 318 -7.51 17.07 13.88
C ASP A 318 -8.41 17.15 15.11
N SER A 319 -9.16 18.24 15.23
CA SER A 319 -10.06 18.44 16.36
C SER A 319 -11.13 17.36 16.38
N ILE A 320 -11.60 16.98 15.20
CA ILE A 320 -12.63 15.96 15.05
C ILE A 320 -12.07 14.58 15.38
N LEU A 321 -10.96 14.22 14.73
CA LEU A 321 -10.34 12.93 14.97
C LEU A 321 -9.81 12.83 16.39
N GLY A 322 -9.20 13.92 16.86
CA GLY A 322 -8.67 13.94 18.21
C GLY A 322 -7.57 12.92 18.46
N ASN A 323 -6.85 12.54 17.40
CA ASN A 323 -5.78 11.56 17.53
C ASN A 323 -4.46 12.04 16.92
N LYS A 324 -4.28 13.35 16.87
CA LYS A 324 -3.04 13.91 16.33
C LYS A 324 -1.87 13.46 17.20
N PRO A 325 -0.92 12.69 16.61
CA PRO A 325 0.24 12.20 17.35
C PRO A 325 1.13 13.31 17.89
N TYR A 326 1.87 13.02 18.96
CA TYR A 326 2.76 14.00 19.57
C TYR A 326 4.07 14.14 18.80
PA NDP B . -8.64 1.19 1.08
O1A NDP B . -8.51 1.26 2.55
O2A NDP B . -8.64 2.45 0.30
O5B NDP B . -9.94 0.33 0.77
C5B NDP B . -10.28 0.09 -0.61
C4B NDP B . -11.55 -0.70 -0.60
O4B NDP B . -12.59 0.17 -0.01
C3B NDP B . -12.11 -1.11 -1.97
O3B NDP B . -11.72 -2.43 -2.24
C2B NDP B . -13.62 -0.92 -1.79
O2B NDP B . -14.18 -2.07 -1.20
C1B NDP B . -13.73 0.28 -0.87
N9A NDP B . -13.76 1.61 -1.56
C8A NDP B . -12.74 2.21 -2.29
N7A NDP B . -13.07 3.39 -2.77
C5A NDP B . -14.34 3.58 -2.34
C6A NDP B . -15.24 4.66 -2.53
N6A NDP B . -14.89 5.74 -3.23
N1A NDP B . -16.49 4.54 -1.94
C2A NDP B . -16.82 3.43 -1.23
N3A NDP B . -16.03 2.35 -1.00
C4A NDP B . -14.79 2.50 -1.58
O3 NDP B . -7.49 0.22 0.52
PN NDP B . -7.03 -1.30 0.56
O1N NDP B . -7.67 -2.06 -0.54
O2N NDP B . -7.29 -1.76 1.95
O5D NDP B . -5.43 -1.24 0.37
C5D NDP B . -4.87 -0.67 -0.81
C4D NDP B . -3.66 -1.46 -1.25
O4D NDP B . -2.64 -1.39 -0.25
C3D NDP B . -3.87 -2.97 -1.46
O3D NDP B . -4.56 -3.34 -2.61
C2D NDP B . -2.43 -3.48 -1.35
O2D NDP B . -1.80 -3.33 -2.61
C1D NDP B . -1.87 -2.57 -0.26
N1N NDP B . -1.90 -3.21 1.10
C2N NDP B . -0.71 -3.61 1.65
C3N NDP B . -0.65 -4.22 2.91
C7N NDP B . 0.64 -4.67 3.54
O7N NDP B . 0.60 -5.51 4.45
N7N NDP B . 1.78 -4.13 3.10
C4N NDP B . -1.88 -4.44 3.63
C5N NDP B . -3.10 -4.01 3.07
C6N NDP B . -3.11 -3.41 1.81
P2B NDP B . -15.72 -2.57 -1.27
O1X NDP B . -15.69 -4.07 -1.29
O2X NDP B . -16.30 -1.92 -0.04
O3X NDP B . -16.30 -1.99 -2.56
C1 PDN C . 20.91 2.86 -2.99
C2 PDN C . 20.10 1.94 -3.93
C3 PDN C . 19.26 0.95 -3.08
C4 PDN C . 18.85 1.31 -1.77
C5 PDN C . 19.18 2.54 -1.18
C6 PDN C . 18.67 2.85 0.23
C7 PDN C . 19.58 3.80 1.04
C8 PDN C . 20.13 5.01 0.27
C9 PDN C . 20.92 4.48 -0.99
C10 PDN C . 20.01 3.62 -1.96
C11 PDN C . 21.66 5.65 -1.73
C12 PDN C . 22.40 6.68 -0.86
C13 PDN C . 21.57 7.15 0.35
C14 PDN C . 21.05 5.89 1.13
C15 PDN C . 20.44 6.51 2.41
C16 PDN C . 21.49 7.57 2.78
C17 PDN C . 22.40 7.80 1.53
C18 PDN C . 20.37 8.05 -0.12
C19 PDN C . 18.99 4.55 -2.71
C20 PDN C . 22.70 9.33 1.32
C21 PDN C . 23.56 9.80 0.13
O1 PDN C . 18.93 -0.12 -3.55
O2 PDN C . 21.65 5.77 -2.96
O3 PDN C . 23.62 7.07 1.71
O4 PDN C . 22.24 10.16 2.11
O5 PDN C . 24.81 10.34 0.58
#